data_1HSR
#
_entry.id   1HSR
#
_cell.length_a   74.500
_cell.length_b   74.500
_cell.length_c   118.010
_cell.angle_alpha   90.00
_cell.angle_beta   90.00
_cell.angle_gamma   90.00
#
_symmetry.space_group_name_H-M   'P 42 21 2'
#
loop_
_entity.id
_entity.type
_entity.pdbx_description
1 polymer PEROXIDASE
2 branched 2-acetamido-2-deoxy-beta-D-glucopyranose-(1-4)-2-acetamido-2-deoxy-beta-D-glucopyranose
3 non-polymer 'CALCIUM ION'
4 non-polymer 'PROTOPORPHYRIN IX CONTAINING FE'
5 non-polymer 'BENZHYDROXAMIC ACID'
6 water water
#
_entity_poly.entity_id   1
_entity_poly.type   'polypeptide(L)'
_entity_poly.pdbx_seq_one_letter_code
;QGPGGGGGSVTCPGGQSTSNSQCCVWFDVLDDLQTNFYQGSKCESPVRKILRIVFHDAIGFSPALTAAGQFGGGGADGSI
IAHSNIELAFPANGGLTDTIEALRAVGINHGVSFGDLIQFATAVGMSNCPGSPRLEFLTGRSNSSQPSPPSLIPGPGNTV
TAILDRMGDAGFSPDEVVDLLAAHSLASQEGLNSAIFRSPLDSTPQVFDTQFYIETLLKGTTQPGPSLGFAEELSPFPGE
FRMRSDALLARDSRTACRWQSMTSSNEVMGQRYRAAMAKMSVLGFDRNALTDCSDVIPSAVSNNAAPVIPGGLTVDDIEV
SCPSEPFPEIATASGPLPSLAPAP
;
_entity_poly.pdbx_strand_id   A
#
# COMPACT_ATOMS: atom_id res chain seq x y z
N SER A 9 18.64 29.70 6.70
CA SER A 9 17.73 28.61 7.03
C SER A 9 18.70 27.58 7.62
N VAL A 10 18.20 26.35 7.73
CA VAL A 10 19.09 25.26 8.05
C VAL A 10 19.29 24.93 6.56
N THR A 11 20.56 25.03 6.27
CA THR A 11 21.02 24.72 4.94
C THR A 11 21.80 23.46 5.23
N CYS A 12 21.42 22.44 4.46
CA CYS A 12 22.07 21.14 4.54
C CYS A 12 23.36 21.22 3.74
N PRO A 13 24.41 20.41 4.02
CA PRO A 13 25.68 20.42 3.30
C PRO A 13 25.54 20.46 1.78
N GLY A 14 24.50 19.82 1.24
CA GLY A 14 24.26 19.82 -0.20
C GLY A 14 23.57 21.08 -0.69
N GLY A 15 23.36 22.10 0.14
CA GLY A 15 22.74 23.32 -0.31
C GLY A 15 21.23 23.31 -0.31
N GLN A 16 20.60 22.17 0.02
CA GLN A 16 19.15 22.17 0.03
C GLN A 16 18.77 22.87 1.34
N SER A 17 17.58 23.42 1.35
CA SER A 17 17.05 24.11 2.51
C SER A 17 16.06 23.20 3.17
N THR A 18 16.01 23.17 4.50
CA THR A 18 15.02 22.35 5.17
C THR A 18 14.66 23.01 6.50
N SER A 19 13.56 22.45 7.02
CA SER A 19 12.94 22.83 8.27
C SER A 19 13.85 22.70 9.48
N ASN A 20 14.52 21.57 9.60
CA ASN A 20 15.27 21.26 10.80
C ASN A 20 16.54 20.53 10.47
N SER A 21 17.52 20.66 11.33
CA SER A 21 18.83 20.01 11.24
C SER A 21 18.75 18.49 11.06
N GLN A 22 17.84 17.89 11.81
CA GLN A 22 17.61 16.46 11.75
C GLN A 22 17.14 15.97 10.39
N CYS A 23 16.70 16.84 9.47
CA CYS A 23 16.27 16.40 8.15
C CYS A 23 17.44 16.20 7.19
N CYS A 24 18.60 16.80 7.45
CA CYS A 24 19.69 16.74 6.49
C CYS A 24 20.20 15.35 6.16
N VAL A 25 20.32 14.39 7.08
CA VAL A 25 20.78 13.02 6.74
C VAL A 25 19.84 12.35 5.71
N TRP A 26 18.54 12.67 5.75
CA TRP A 26 17.58 12.08 4.82
C TRP A 26 17.87 12.49 3.37
N PHE A 27 18.60 13.57 3.03
CA PHE A 27 18.90 13.84 1.62
C PHE A 27 19.95 12.80 1.15
N ASP A 28 20.83 12.29 2.03
CA ASP A 28 21.78 11.26 1.62
C ASP A 28 21.07 9.91 1.46
N VAL A 29 20.12 9.56 2.32
CA VAL A 29 19.49 8.27 2.10
C VAL A 29 18.53 8.39 0.91
N LEU A 30 17.98 9.57 0.58
CA LEU A 30 17.19 9.75 -0.63
C LEU A 30 18.02 9.38 -1.85
N ASP A 31 19.26 9.92 -1.99
CA ASP A 31 20.09 9.62 -3.15
C ASP A 31 20.43 8.16 -3.28
N ASP A 32 20.78 7.50 -2.19
CA ASP A 32 21.09 6.10 -2.17
C ASP A 32 19.88 5.26 -2.60
N LEU A 33 18.71 5.48 -2.00
CA LEU A 33 17.52 4.72 -2.36
C LEU A 33 17.16 4.93 -3.82
N GLN A 34 17.18 6.16 -4.34
CA GLN A 34 16.80 6.39 -5.74
C GLN A 34 17.77 5.74 -6.74
N THR A 35 19.08 5.77 -6.45
CA THR A 35 20.08 5.23 -7.35
C THR A 35 20.16 3.73 -7.29
N ASN A 36 20.07 3.21 -6.08
CA ASN A 36 20.29 1.80 -5.89
C ASN A 36 19.05 0.98 -5.70
N PHE A 37 18.31 1.13 -4.59
CA PHE A 37 17.11 0.37 -4.31
C PHE A 37 16.06 0.48 -5.42
N TYR A 38 15.80 1.69 -5.91
CA TYR A 38 14.79 1.90 -6.95
C TYR A 38 15.34 1.92 -8.35
N GLN A 39 16.62 1.51 -8.53
CA GLN A 39 17.22 1.35 -9.85
C GLN A 39 17.06 2.55 -10.78
N GLY A 40 17.32 3.77 -10.33
CA GLY A 40 17.15 4.92 -11.17
C GLY A 40 15.76 5.51 -11.04
N SER A 41 15.23 5.65 -9.82
CA SER A 41 13.92 6.26 -9.58
C SER A 41 12.73 5.63 -10.32
N LYS A 42 12.71 4.30 -10.43
CA LYS A 42 11.64 3.58 -11.10
C LYS A 42 10.49 3.21 -10.17
N CYS A 43 9.32 2.92 -10.75
CA CYS A 43 8.12 2.51 -10.02
C CYS A 43 7.85 1.06 -10.41
N GLU A 44 8.67 0.14 -9.88
CA GLU A 44 8.53 -1.27 -10.23
C GLU A 44 8.41 -2.12 -8.98
N SER A 45 8.75 -3.42 -9.00
CA SER A 45 8.62 -4.27 -7.84
C SER A 45 9.17 -3.72 -6.53
N PRO A 46 10.35 -3.07 -6.38
CA PRO A 46 10.84 -2.54 -5.08
C PRO A 46 9.82 -1.62 -4.42
N VAL A 47 9.11 -0.75 -5.16
CA VAL A 47 8.09 0.12 -4.59
C VAL A 47 6.91 -0.73 -4.06
N ARG A 48 6.41 -1.69 -4.84
CA ARG A 48 5.27 -2.52 -4.45
C ARG A 48 5.61 -3.35 -3.23
N LYS A 49 6.82 -3.88 -3.11
CA LYS A 49 7.24 -4.67 -1.96
C LYS A 49 7.35 -3.75 -0.75
N ILE A 50 7.91 -2.53 -0.87
CA ILE A 50 8.03 -1.64 0.29
C ILE A 50 6.63 -1.26 0.76
N LEU A 51 5.63 -1.06 -0.12
CA LEU A 51 4.27 -0.74 0.34
C LEU A 51 3.65 -1.89 1.17
N ARG A 52 3.92 -3.14 0.76
CA ARG A 52 3.45 -4.28 1.52
C ARG A 52 4.23 -4.30 2.84
N ILE A 53 5.54 -4.02 2.87
CA ILE A 53 6.32 -4.00 4.11
C ILE A 53 5.86 -2.92 5.08
N VAL A 54 5.52 -1.70 4.65
CA VAL A 54 5.14 -0.66 5.61
C VAL A 54 3.85 -1.05 6.33
N PHE A 55 2.89 -1.67 5.60
CA PHE A 55 1.66 -2.15 6.18
C PHE A 55 2.02 -3.27 7.19
N HIS A 56 2.83 -4.27 6.84
CA HIS A 56 3.13 -5.37 7.75
C HIS A 56 3.97 -4.98 8.96
N ASP A 57 4.74 -3.89 8.83
CA ASP A 57 5.47 -3.41 9.99
C ASP A 57 4.53 -2.69 10.95
N ALA A 58 3.73 -1.75 10.44
CA ALA A 58 2.88 -0.92 11.27
C ALA A 58 1.69 -1.59 11.90
N ILE A 59 1.09 -2.56 11.20
CA ILE A 59 -0.11 -3.21 11.71
C ILE A 59 0.17 -4.19 12.86
N GLY A 60 1.44 -4.44 13.21
CA GLY A 60 1.78 -5.31 14.33
C GLY A 60 1.64 -4.44 15.56
N PHE A 61 0.39 -4.10 15.87
CA PHE A 61 0.04 -3.21 16.96
C PHE A 61 -1.39 -3.59 17.38
N SER A 62 -1.56 -3.99 18.64
CA SER A 62 -2.88 -4.40 19.10
C SER A 62 -3.17 -3.98 20.54
N PRO A 63 -3.97 -2.91 20.67
CA PRO A 63 -4.47 -2.42 21.95
C PRO A 63 -5.17 -3.53 22.73
N ALA A 64 -5.92 -4.41 22.07
CA ALA A 64 -6.62 -5.50 22.74
C ALA A 64 -5.60 -6.43 23.45
N LEU A 65 -4.46 -6.77 22.85
CA LEU A 65 -3.45 -7.60 23.49
C LEU A 65 -2.88 -6.84 24.68
N THR A 66 -2.57 -5.55 24.53
CA THR A 66 -2.06 -4.74 25.62
C THR A 66 -3.04 -4.74 26.81
N ALA A 67 -4.34 -4.58 26.51
CA ALA A 67 -5.36 -4.56 27.54
C ALA A 67 -5.37 -5.87 28.33
N ALA A 68 -5.21 -6.99 27.67
CA ALA A 68 -5.21 -8.28 28.33
C ALA A 68 -3.90 -8.60 29.03
N GLY A 69 -2.99 -7.63 29.18
CA GLY A 69 -1.75 -7.85 29.87
C GLY A 69 -0.64 -8.34 28.94
N GLN A 70 -0.90 -8.61 27.66
CA GLN A 70 0.14 -9.12 26.76
C GLN A 70 0.84 -7.97 26.03
N PHE A 71 2.04 -8.20 25.46
CA PHE A 71 2.72 -7.19 24.64
C PHE A 71 1.91 -7.17 23.34
N GLY A 72 1.51 -6.01 22.85
CA GLY A 72 0.70 -5.96 21.65
C GLY A 72 1.43 -5.51 20.40
N GLY A 73 2.75 -5.33 20.45
CA GLY A 73 3.49 -4.88 19.27
C GLY A 73 3.78 -3.38 19.33
N GLY A 74 4.88 -2.94 18.78
CA GLY A 74 5.27 -1.55 18.82
C GLY A 74 4.85 -0.73 17.60
N GLY A 75 4.03 -1.30 16.69
CA GLY A 75 3.55 -0.54 15.55
C GLY A 75 4.63 -0.27 14.51
N ALA A 76 4.79 0.97 14.06
CA ALA A 76 5.71 1.36 13.00
C ALA A 76 7.14 1.54 13.56
N ASP A 77 7.63 0.45 14.14
CA ASP A 77 8.90 0.45 14.83
C ASP A 77 10.09 -0.21 14.13
N GLY A 78 9.88 -0.62 12.87
CA GLY A 78 10.88 -1.31 12.07
C GLY A 78 11.18 -2.72 12.61
N SER A 79 10.28 -3.32 13.39
CA SER A 79 10.55 -4.63 14.00
C SER A 79 10.63 -5.70 12.91
N ILE A 80 9.99 -5.49 11.75
CA ILE A 80 10.06 -6.47 10.67
C ILE A 80 11.47 -6.60 10.14
N ILE A 81 12.33 -5.59 10.34
CA ILE A 81 13.73 -5.68 9.91
C ILE A 81 14.56 -6.14 11.11
N ALA A 82 14.49 -5.46 12.26
CA ALA A 82 15.29 -5.84 13.41
C ALA A 82 15.04 -7.24 13.90
N HIS A 83 13.81 -7.71 13.78
CA HIS A 83 13.40 -9.05 14.17
C HIS A 83 12.87 -9.82 12.98
N SER A 84 13.52 -9.70 11.81
CA SER A 84 13.11 -10.40 10.60
C SER A 84 13.15 -11.91 10.78
N ASN A 85 14.10 -12.40 11.57
CA ASN A 85 14.21 -13.83 11.83
C ASN A 85 12.92 -14.38 12.41
N ILE A 86 12.16 -13.58 13.18
CA ILE A 86 10.92 -14.14 13.65
C ILE A 86 9.77 -13.65 12.77
N GLU A 87 9.71 -12.38 12.33
CA GLU A 87 8.54 -11.93 11.59
C GLU A 87 8.41 -12.46 10.16
N LEU A 88 9.51 -12.78 9.51
CA LEU A 88 9.38 -13.31 8.17
C LEU A 88 9.00 -14.79 8.20
N ALA A 89 8.81 -15.42 9.36
CA ALA A 89 8.34 -16.79 9.39
C ALA A 89 6.81 -16.77 9.36
N PHE A 90 6.18 -15.60 9.56
CA PHE A 90 4.73 -15.50 9.51
C PHE A 90 4.20 -15.78 8.10
N PRO A 91 3.04 -16.41 7.92
CA PRO A 91 2.45 -16.72 6.61
C PRO A 91 2.30 -15.50 5.70
N ALA A 92 1.90 -14.38 6.29
CA ALA A 92 1.69 -13.17 5.53
C ALA A 92 2.94 -12.49 5.01
N ASN A 93 4.13 -12.90 5.47
CA ASN A 93 5.34 -12.19 5.13
C ASN A 93 6.23 -12.86 4.12
N GLY A 94 5.65 -13.71 3.29
CA GLY A 94 6.45 -14.37 2.26
C GLY A 94 6.77 -13.42 1.11
N GLY A 95 7.86 -13.67 0.39
CA GLY A 95 8.24 -12.87 -0.75
C GLY A 95 8.88 -11.55 -0.34
N LEU A 96 9.24 -11.36 0.95
CA LEU A 96 9.81 -10.11 1.40
C LEU A 96 11.28 -10.09 1.83
N THR A 97 11.89 -11.24 2.02
CA THR A 97 13.26 -11.25 2.50
C THR A 97 14.28 -10.44 1.73
N ASP A 98 14.29 -10.53 0.40
CA ASP A 98 15.28 -9.78 -0.36
C ASP A 98 15.13 -8.28 -0.19
N THR A 99 13.93 -7.76 -0.10
CA THR A 99 13.71 -6.33 0.10
C THR A 99 14.12 -5.95 1.51
N ILE A 100 13.80 -6.78 2.51
CA ILE A 100 14.21 -6.51 3.89
C ILE A 100 15.72 -6.39 4.04
N GLU A 101 16.51 -7.29 3.42
CA GLU A 101 17.96 -7.23 3.53
C GLU A 101 18.56 -5.98 2.89
N ALA A 102 17.98 -5.56 1.76
CA ALA A 102 18.40 -4.36 1.05
C ALA A 102 18.19 -3.14 1.95
N LEU A 103 17.03 -3.11 2.62
CA LEU A 103 16.70 -2.01 3.50
C LEU A 103 17.57 -2.06 4.72
N ARG A 104 17.88 -3.24 5.27
CA ARG A 104 18.76 -3.33 6.43
C ARG A 104 20.10 -2.65 6.15
N ALA A 105 20.72 -2.93 5.01
CA ALA A 105 22.02 -2.37 4.68
C ALA A 105 21.98 -0.85 4.57
N VAL A 106 20.93 -0.29 3.97
CA VAL A 106 20.82 1.19 3.89
C VAL A 106 20.72 1.83 5.29
N GLY A 107 19.94 1.22 6.20
CA GLY A 107 19.74 1.70 7.57
C GLY A 107 21.04 1.74 8.36
N ILE A 108 21.80 0.64 8.31
CA ILE A 108 23.11 0.50 8.98
C ILE A 108 24.08 1.55 8.43
N ASN A 109 24.21 1.62 7.12
CA ASN A 109 25.15 2.51 6.47
C ASN A 109 24.84 3.94 6.71
N HIS A 110 23.59 4.32 6.90
CA HIS A 110 23.28 5.73 7.11
C HIS A 110 23.04 6.14 8.54
N GLY A 111 22.97 5.18 9.44
CA GLY A 111 22.72 5.49 10.84
C GLY A 111 21.33 6.00 11.12
N VAL A 112 20.25 5.54 10.47
CA VAL A 112 18.89 6.00 10.73
C VAL A 112 18.10 4.86 11.34
N SER A 113 16.99 5.07 12.08
CA SER A 113 16.29 3.95 12.68
C SER A 113 15.55 3.17 11.60
N PHE A 114 15.37 1.89 11.86
CA PHE A 114 14.65 1.05 10.91
C PHE A 114 13.20 1.48 10.72
N GLY A 115 12.49 1.92 11.77
CA GLY A 115 11.09 2.37 11.65
C GLY A 115 10.99 3.62 10.76
N ASP A 116 11.93 4.57 10.94
CA ASP A 116 11.97 5.77 10.13
C ASP A 116 12.29 5.43 8.69
N LEU A 117 13.26 4.52 8.50
CA LEU A 117 13.65 4.15 7.14
C LEU A 117 12.51 3.57 6.33
N ILE A 118 11.69 2.71 6.93
CA ILE A 118 10.58 2.10 6.16
C ILE A 118 9.59 3.19 5.75
N GLN A 119 9.28 4.15 6.64
CA GLN A 119 8.33 5.21 6.30
C GLN A 119 8.89 6.11 5.19
N PHE A 120 10.20 6.40 5.27
CA PHE A 120 10.90 7.24 4.29
C PHE A 120 10.91 6.52 2.96
N ALA A 121 11.25 5.25 2.91
CA ALA A 121 11.31 4.56 1.63
C ALA A 121 9.93 4.44 1.01
N THR A 122 8.84 4.41 1.78
CA THR A 122 7.50 4.34 1.21
C THR A 122 7.21 5.68 0.54
N ALA A 123 7.48 6.81 1.23
CA ALA A 123 7.22 8.11 0.64
C ALA A 123 8.02 8.37 -0.65
N VAL A 124 9.30 8.00 -0.64
CA VAL A 124 10.18 8.16 -1.80
C VAL A 124 9.75 7.20 -2.91
N GLY A 125 9.43 5.94 -2.63
CA GLY A 125 9.00 5.00 -3.66
C GLY A 125 7.75 5.47 -4.42
N MET A 126 6.77 5.99 -3.65
CA MET A 126 5.54 6.47 -4.26
C MET A 126 5.79 7.67 -5.15
N SER A 127 6.79 8.52 -4.82
CA SER A 127 7.07 9.69 -5.65
C SER A 127 7.53 9.26 -7.04
N ASN A 128 7.95 8.00 -7.27
CA ASN A 128 8.35 7.50 -8.57
C ASN A 128 7.18 7.00 -9.42
N CYS A 129 5.98 6.93 -8.84
CA CYS A 129 4.81 6.43 -9.53
C CYS A 129 3.85 7.55 -9.86
N PRO A 130 3.58 7.81 -11.16
CA PRO A 130 2.68 8.87 -11.63
C PRO A 130 1.34 8.86 -10.91
N GLY A 131 0.89 10.03 -10.48
CA GLY A 131 -0.40 10.13 -9.85
C GLY A 131 -0.34 10.08 -8.32
N SER A 132 0.81 9.71 -7.75
CA SER A 132 0.92 9.64 -6.30
C SER A 132 0.84 10.98 -5.58
N PRO A 133 0.25 11.07 -4.38
CA PRO A 133 0.30 12.26 -3.53
C PRO A 133 1.68 12.30 -2.86
N ARG A 134 2.05 13.43 -2.25
CA ARG A 134 3.29 13.52 -1.51
C ARG A 134 2.95 13.10 -0.07
N LEU A 135 3.45 11.99 0.39
CA LEU A 135 3.18 11.51 1.74
C LEU A 135 3.94 12.28 2.79
N GLU A 136 3.32 12.46 3.95
CA GLU A 136 4.01 13.11 5.07
C GLU A 136 5.19 12.25 5.51
N PHE A 137 6.29 12.84 5.99
CA PHE A 137 7.41 12.08 6.52
C PHE A 137 7.91 12.74 7.81
N LEU A 138 7.85 11.93 8.86
CA LEU A 138 8.27 12.31 10.20
C LEU A 138 9.48 11.49 10.63
N THR A 139 10.47 12.05 11.33
CA THR A 139 11.63 11.30 11.76
C THR A 139 11.71 11.36 13.30
N GLY A 140 12.42 10.39 13.87
CA GLY A 140 12.61 10.33 15.31
C GLY A 140 12.10 9.05 15.97
N ARG A 141 11.55 8.06 15.27
CA ARG A 141 11.07 6.85 15.93
C ARG A 141 12.26 6.11 16.54
N SER A 142 12.22 5.67 17.80
CA SER A 142 13.32 4.94 18.40
C SER A 142 13.67 3.68 17.58
N ASN A 143 14.94 3.33 17.55
CA ASN A 143 15.41 2.15 16.86
C ASN A 143 15.18 0.89 17.69
N SER A 144 14.84 1.02 18.96
CA SER A 144 14.63 -0.15 19.81
C SER A 144 13.27 -0.82 19.53
N SER A 145 13.16 -2.13 19.31
CA SER A 145 11.87 -2.77 19.10
C SER A 145 11.87 -4.20 19.63
N GLN A 146 10.67 -4.72 19.81
CA GLN A 146 10.47 -6.09 20.22
C GLN A 146 9.79 -6.73 19.01
N PRO A 147 9.83 -8.07 18.83
CA PRO A 147 9.16 -8.74 17.74
C PRO A 147 7.66 -8.55 17.83
N SER A 148 7.04 -8.39 16.67
CA SER A 148 5.59 -8.27 16.61
C SER A 148 4.98 -9.60 17.07
N PRO A 149 3.84 -9.58 17.77
CA PRO A 149 3.06 -10.76 18.05
C PRO A 149 2.61 -11.36 16.71
N PRO A 150 2.40 -12.67 16.60
CA PRO A 150 1.87 -13.26 15.39
C PRO A 150 0.38 -12.97 15.27
N SER A 151 -0.10 -13.36 14.11
CA SER A 151 -1.49 -13.30 13.70
C SER A 151 -2.16 -11.93 13.70
N LEU A 152 -1.39 -10.85 13.51
CA LEU A 152 -1.98 -9.51 13.49
C LEU A 152 -2.15 -8.97 12.05
N ILE A 153 -1.69 -9.67 11.02
CA ILE A 153 -1.81 -9.20 9.66
C ILE A 153 -3.02 -9.84 8.97
N PRO A 154 -3.95 -9.07 8.37
CA PRO A 154 -5.08 -9.57 7.59
C PRO A 154 -4.63 -10.40 6.39
N GLY A 155 -5.39 -11.45 6.08
CA GLY A 155 -5.11 -12.33 4.96
C GLY A 155 -6.22 -12.28 3.91
N PRO A 156 -5.96 -12.66 2.64
CA PRO A 156 -6.91 -12.63 1.55
C PRO A 156 -8.11 -13.57 1.65
N GLY A 157 -8.03 -14.58 2.51
CA GLY A 157 -9.13 -15.51 2.73
C GLY A 157 -9.95 -15.12 3.95
N ASN A 158 -9.66 -14.02 4.66
CA ASN A 158 -10.44 -13.63 5.84
C ASN A 158 -11.77 -13.03 5.44
N THR A 159 -12.77 -13.15 6.31
CA THR A 159 -14.06 -12.54 6.02
C THR A 159 -13.93 -11.03 6.22
N VAL A 160 -14.91 -10.29 5.70
CA VAL A 160 -14.91 -8.86 5.91
C VAL A 160 -15.02 -8.56 7.40
N THR A 161 -15.84 -9.28 8.18
CA THR A 161 -15.92 -9.01 9.61
C THR A 161 -14.54 -9.14 10.28
N ALA A 162 -13.82 -10.22 9.96
CA ALA A 162 -12.47 -10.45 10.51
C ALA A 162 -11.49 -9.32 10.16
N ILE A 163 -11.50 -8.85 8.91
CA ILE A 163 -10.61 -7.78 8.52
C ILE A 163 -10.99 -6.50 9.26
N LEU A 164 -12.29 -6.14 9.30
CA LEU A 164 -12.74 -4.94 9.97
C LEU A 164 -12.44 -4.96 11.46
N ASP A 165 -12.58 -6.09 12.14
CA ASP A 165 -12.24 -6.17 13.54
C ASP A 165 -10.75 -5.99 13.78
N ARG A 166 -9.87 -6.62 12.99
CA ARG A 166 -8.42 -6.50 13.18
C ARG A 166 -7.95 -5.07 12.97
N MET A 167 -8.43 -4.51 11.87
CA MET A 167 -8.08 -3.15 11.51
C MET A 167 -8.69 -2.16 12.50
N GLY A 168 -9.88 -2.41 13.03
CA GLY A 168 -10.49 -1.51 14.00
C GLY A 168 -9.70 -1.54 15.31
N ASP A 169 -9.19 -2.71 15.70
CA ASP A 169 -8.42 -2.82 16.94
C ASP A 169 -7.19 -1.95 16.78
N ALA A 170 -6.53 -2.02 15.61
CA ALA A 170 -5.36 -1.18 15.38
C ALA A 170 -5.73 0.31 15.38
N GLY A 171 -6.99 0.67 15.09
CA GLY A 171 -7.45 2.04 15.14
C GLY A 171 -8.13 2.55 13.88
N PHE A 172 -8.36 1.73 12.88
CA PHE A 172 -8.98 2.20 11.65
C PHE A 172 -10.47 1.92 11.53
N SER A 173 -11.20 2.92 11.02
CA SER A 173 -12.62 2.81 10.77
C SER A 173 -12.80 2.04 9.48
N PRO A 174 -14.00 1.49 9.15
CA PRO A 174 -14.24 0.81 7.86
C PRO A 174 -13.86 1.68 6.65
N ASP A 175 -14.15 3.01 6.72
CA ASP A 175 -13.82 3.89 5.63
C ASP A 175 -12.32 3.95 5.43
N GLU A 176 -11.53 4.02 6.50
CA GLU A 176 -10.07 4.12 6.38
C GLU A 176 -9.49 2.84 5.84
N VAL A 177 -10.11 1.66 6.11
CA VAL A 177 -9.66 0.40 5.54
C VAL A 177 -9.82 0.52 4.02
N VAL A 178 -10.95 0.99 3.50
CA VAL A 178 -11.11 1.17 2.06
C VAL A 178 -10.08 2.17 1.55
N ASP A 179 -9.82 3.26 2.25
CA ASP A 179 -8.85 4.26 1.82
C ASP A 179 -7.44 3.71 1.72
N LEU A 180 -7.02 2.91 2.69
CA LEU A 180 -5.69 2.30 2.71
C LEU A 180 -5.45 1.35 1.53
N LEU A 181 -6.50 0.69 1.07
CA LEU A 181 -6.43 -0.26 -0.03
C LEU A 181 -6.21 0.41 -1.40
N ALA A 182 -6.10 1.74 -1.47
CA ALA A 182 -5.75 2.41 -2.72
C ALA A 182 -4.35 1.92 -3.13
N ALA A 183 -3.52 1.43 -2.19
CA ALA A 183 -2.22 0.88 -2.51
C ALA A 183 -2.31 -0.33 -3.43
N HIS A 184 -3.48 -1.00 -3.57
CA HIS A 184 -3.60 -2.11 -4.52
C HIS A 184 -3.72 -1.61 -5.96
N SER A 185 -3.72 -0.28 -6.16
CA SER A 185 -3.66 0.34 -7.48
C SER A 185 -2.21 0.23 -8.01
N LEU A 186 -1.21 -0.12 -7.19
CA LEU A 186 0.21 -0.26 -7.58
C LEU A 186 0.58 -1.67 -7.12
N ALA A 187 -0.05 -2.72 -7.65
CA ALA A 187 0.12 -4.04 -7.07
C ALA A 187 -0.01 -5.23 -7.99
N SER A 188 0.64 -6.29 -7.57
CA SER A 188 0.55 -7.56 -8.26
C SER A 188 0.60 -8.60 -7.14
N GLN A 189 0.47 -9.87 -7.51
CA GLN A 189 0.70 -10.93 -6.53
C GLN A 189 1.83 -11.83 -7.09
N GLU A 190 2.57 -12.48 -6.24
CA GLU A 190 3.63 -13.39 -6.64
C GLU A 190 3.46 -14.76 -6.04
N GLY A 191 2.88 -14.82 -4.84
CA GLY A 191 2.78 -16.04 -4.07
C GLY A 191 1.42 -16.69 -3.97
N LEU A 192 0.36 -16.08 -4.46
CA LEU A 192 -0.97 -16.67 -4.38
C LEU A 192 -1.19 -17.64 -5.53
N ASN A 193 -0.67 -17.32 -6.71
CA ASN A 193 -0.77 -18.19 -7.87
C ASN A 193 0.53 -17.93 -8.65
N SER A 194 1.54 -18.74 -8.34
CA SER A 194 2.85 -18.57 -8.94
C SER A 194 2.87 -18.85 -10.43
N ALA A 195 1.84 -19.52 -10.95
CA ALA A 195 1.71 -19.77 -12.38
C ALA A 195 1.49 -18.50 -13.20
N ILE A 196 1.01 -17.42 -12.59
CA ILE A 196 0.83 -16.17 -13.31
C ILE A 196 1.52 -15.13 -12.41
N PHE A 197 2.84 -15.34 -12.26
CA PHE A 197 3.72 -14.51 -11.45
C PHE A 197 3.58 -13.05 -11.88
N ARG A 198 3.42 -12.16 -10.88
CA ARG A 198 3.27 -10.72 -11.03
C ARG A 198 2.03 -10.28 -11.86
N SER A 199 0.94 -11.06 -11.80
CA SER A 199 -0.31 -10.66 -12.44
C SER A 199 -0.78 -9.42 -11.65
N PRO A 200 -1.05 -8.26 -12.28
CA PRO A 200 -1.54 -7.04 -11.64
C PRO A 200 -2.97 -7.19 -11.07
N LEU A 201 -3.21 -6.37 -10.05
CA LEU A 201 -4.50 -6.26 -9.41
C LEU A 201 -5.32 -5.20 -10.15
N ASP A 202 -4.75 -4.29 -10.96
CA ASP A 202 -5.59 -3.44 -11.80
C ASP A 202 -4.82 -3.28 -13.12
N SER A 203 -5.42 -2.62 -14.14
CA SER A 203 -4.78 -2.48 -15.42
C SER A 203 -3.65 -1.46 -15.48
N THR A 204 -3.32 -0.71 -14.41
CA THR A 204 -2.25 0.26 -14.41
C THR A 204 -1.40 0.09 -13.18
N PRO A 205 -0.61 -1.00 -13.06
CA PRO A 205 0.19 -1.26 -11.86
C PRO A 205 1.30 -0.25 -11.59
N GLN A 206 1.54 0.64 -12.60
CA GLN A 206 2.52 1.70 -12.45
C GLN A 206 1.85 3.05 -12.33
N VAL A 207 0.54 3.19 -12.19
CA VAL A 207 -0.06 4.52 -12.07
C VAL A 207 -0.94 4.48 -10.82
N PHE A 208 -0.78 5.44 -9.89
CA PHE A 208 -1.59 5.49 -8.70
C PHE A 208 -2.88 6.18 -9.10
N ASP A 209 -3.92 5.39 -9.35
CA ASP A 209 -5.19 5.89 -9.86
C ASP A 209 -6.35 5.07 -9.29
N THR A 210 -7.51 5.43 -9.76
CA THR A 210 -8.76 4.84 -9.36
C THR A 210 -9.08 3.47 -10.03
N GLN A 211 -8.32 3.00 -11.05
CA GLN A 211 -8.69 1.78 -11.76
C GLN A 211 -8.93 0.56 -10.88
N PHE A 212 -8.22 0.39 -9.78
CA PHE A 212 -8.40 -0.74 -8.88
C PHE A 212 -9.83 -0.80 -8.35
N TYR A 213 -10.41 0.33 -7.93
CA TYR A 213 -11.76 0.33 -7.37
C TYR A 213 -12.79 0.03 -8.46
N ILE A 214 -12.56 0.50 -9.69
CA ILE A 214 -13.49 0.25 -10.80
C ILE A 214 -13.50 -1.21 -11.21
N GLU A 215 -12.28 -1.74 -11.41
CA GLU A 215 -12.14 -3.08 -11.93
C GLU A 215 -12.46 -4.20 -10.97
N THR A 216 -12.32 -4.02 -9.65
CA THR A 216 -12.72 -5.06 -8.72
C THR A 216 -14.24 -5.15 -8.67
N LEU A 217 -14.98 -4.12 -9.10
CA LEU A 217 -16.45 -4.12 -9.11
C LEU A 217 -17.08 -4.76 -10.35
N LEU A 218 -16.27 -5.02 -11.38
CA LEU A 218 -16.72 -5.57 -12.66
C LEU A 218 -17.08 -7.05 -12.43
N LYS A 219 -17.99 -7.65 -13.21
CA LYS A 219 -18.33 -9.06 -13.00
C LYS A 219 -17.09 -9.95 -13.22
N GLY A 220 -16.82 -10.93 -12.34
CA GLY A 220 -15.72 -11.89 -12.49
C GLY A 220 -16.15 -12.83 -13.62
N THR A 221 -15.41 -12.82 -14.71
CA THR A 221 -15.70 -13.52 -15.95
C THR A 221 -14.62 -14.52 -16.42
N THR A 222 -13.38 -14.19 -16.04
CA THR A 222 -12.19 -14.84 -16.52
C THR A 222 -11.33 -15.54 -15.48
N GLN A 223 -10.76 -16.72 -15.78
CA GLN A 223 -9.84 -17.41 -14.87
C GLN A 223 -8.54 -17.05 -15.56
N PRO A 224 -7.65 -16.22 -15.01
CA PRO A 224 -6.42 -15.84 -15.71
C PRO A 224 -5.30 -16.92 -15.82
N GLY A 225 -5.21 -17.90 -14.93
CA GLY A 225 -4.15 -18.89 -15.01
C GLY A 225 -4.71 -20.28 -15.23
N PRO A 226 -3.88 -21.33 -15.27
CA PRO A 226 -4.32 -22.70 -15.49
C PRO A 226 -5.19 -23.29 -14.37
N SER A 227 -5.07 -22.79 -13.14
CA SER A 227 -5.91 -23.19 -12.04
C SER A 227 -6.12 -21.94 -11.16
N LEU A 228 -6.87 -22.07 -10.07
CA LEU A 228 -7.13 -20.97 -9.15
C LEU A 228 -6.18 -21.13 -7.98
N GLY A 229 -5.54 -20.04 -7.54
CA GLY A 229 -4.60 -20.04 -6.42
C GLY A 229 -5.30 -19.82 -5.08
N PHE A 230 -4.53 -19.59 -4.03
CA PHE A 230 -5.08 -19.35 -2.73
C PHE A 230 -5.82 -18.01 -2.74
N ALA A 231 -7.10 -18.11 -2.35
CA ALA A 231 -8.02 -17.00 -2.26
C ALA A 231 -8.20 -16.21 -3.55
N GLU A 232 -8.13 -16.92 -4.67
CA GLU A 232 -8.30 -16.32 -5.98
C GLU A 232 -9.76 -16.41 -6.46
N GLU A 233 -10.25 -15.32 -7.06
CA GLU A 233 -11.58 -15.21 -7.61
C GLU A 233 -11.49 -14.99 -9.12
N LEU A 234 -12.59 -15.17 -9.86
CA LEU A 234 -12.60 -14.91 -11.30
C LEU A 234 -12.41 -13.41 -11.50
N SER A 235 -11.68 -12.98 -12.53
CA SER A 235 -11.42 -11.57 -12.73
C SER A 235 -12.14 -11.08 -13.98
N PRO A 236 -12.13 -9.81 -14.37
CA PRO A 236 -12.84 -9.32 -15.52
C PRO A 236 -12.10 -9.48 -16.83
N PHE A 237 -10.80 -9.78 -16.90
CA PHE A 237 -10.11 -9.92 -18.18
C PHE A 237 -8.75 -10.61 -18.00
N PRO A 238 -8.25 -11.29 -19.05
CA PRO A 238 -6.98 -12.02 -19.05
C PRO A 238 -5.84 -11.21 -18.43
N GLY A 239 -5.04 -11.89 -17.61
CA GLY A 239 -3.91 -11.25 -16.98
C GLY A 239 -4.22 -10.53 -15.68
N GLU A 240 -5.44 -10.11 -15.35
CA GLU A 240 -5.69 -9.45 -14.08
C GLU A 240 -6.03 -10.51 -13.04
N PHE A 241 -5.48 -10.38 -11.83
CA PHE A 241 -5.72 -11.29 -10.73
C PHE A 241 -6.73 -10.61 -9.80
N ARG A 242 -7.71 -11.32 -9.19
CA ARG A 242 -8.63 -10.72 -8.23
C ARG A 242 -8.54 -11.55 -6.95
N MET A 243 -8.20 -10.96 -5.80
CA MET A 243 -8.18 -11.75 -4.57
C MET A 243 -9.53 -11.59 -3.85
N ARG A 244 -9.89 -12.62 -3.10
CA ARG A 244 -11.18 -12.69 -2.42
C ARG A 244 -11.48 -11.52 -1.50
N SER A 245 -10.59 -11.12 -0.61
CA SER A 245 -10.85 -10.01 0.27
C SER A 245 -11.20 -8.71 -0.49
N ASP A 246 -10.49 -8.37 -1.58
CA ASP A 246 -10.81 -7.17 -2.36
C ASP A 246 -12.21 -7.31 -2.98
N ALA A 247 -12.53 -8.47 -3.59
CA ALA A 247 -13.85 -8.72 -4.19
C ALA A 247 -14.97 -8.55 -3.15
N LEU A 248 -14.77 -9.11 -1.95
CA LEU A 248 -15.74 -9.04 -0.86
C LEU A 248 -15.87 -7.64 -0.29
N LEU A 249 -14.75 -6.91 -0.07
CA LEU A 249 -14.81 -5.55 0.47
C LEU A 249 -15.52 -4.65 -0.51
N ALA A 250 -15.41 -4.85 -1.82
CA ALA A 250 -16.07 -3.99 -2.78
C ALA A 250 -17.58 -4.14 -2.76
N ARG A 251 -18.02 -5.31 -2.35
CA ARG A 251 -19.43 -5.65 -2.40
C ARG A 251 -20.14 -5.65 -1.07
N ASP A 252 -19.45 -5.70 0.06
CA ASP A 252 -20.09 -5.78 1.36
C ASP A 252 -20.80 -4.47 1.72
N SER A 253 -21.98 -4.51 2.34
CA SER A 253 -22.70 -3.29 2.68
C SER A 253 -21.99 -2.34 3.63
N ARG A 254 -21.06 -2.83 4.43
CA ARG A 254 -20.32 -1.97 5.36
C ARG A 254 -19.22 -1.16 4.69
N THR A 255 -18.76 -1.57 3.49
CA THR A 255 -17.67 -0.87 2.80
C THR A 255 -17.97 -0.44 1.36
N ALA A 256 -19.05 -0.98 0.77
CA ALA A 256 -19.44 -0.73 -0.62
C ALA A 256 -19.64 0.72 -1.02
N CYS A 257 -20.25 1.54 -0.17
CA CYS A 257 -20.43 2.91 -0.59
C CYS A 257 -19.12 3.70 -0.59
N ARG A 258 -18.19 3.49 0.35
CA ARG A 258 -16.91 4.18 0.34
C ARG A 258 -16.15 3.66 -0.88
N TRP A 259 -16.18 2.36 -1.19
CA TRP A 259 -15.48 1.80 -2.36
C TRP A 259 -15.98 2.44 -3.66
N GLN A 260 -17.30 2.57 -3.84
CA GLN A 260 -17.86 3.20 -5.03
C GLN A 260 -17.48 4.68 -5.12
N SER A 261 -17.36 5.39 -4.01
CA SER A 261 -16.97 6.81 -4.04
C SER A 261 -15.53 7.10 -4.49
N MET A 262 -14.71 6.05 -4.41
CA MET A 262 -13.30 6.08 -4.80
C MET A 262 -13.11 5.84 -6.27
N THR A 263 -14.18 5.58 -7.04
CA THR A 263 -14.02 5.26 -8.45
C THR A 263 -13.89 6.44 -9.38
N SER A 264 -14.46 7.62 -9.10
CA SER A 264 -14.45 8.70 -10.10
C SER A 264 -13.47 9.86 -10.06
N SER A 265 -12.73 9.95 -8.97
CA SER A 265 -11.81 11.01 -8.78
C SER A 265 -10.49 10.57 -8.16
N ASN A 266 -9.45 10.71 -8.96
CA ASN A 266 -8.11 10.41 -8.46
C ASN A 266 -7.72 11.39 -7.38
N GLU A 267 -8.23 12.64 -7.44
CA GLU A 267 -7.88 13.68 -6.46
C GLU A 267 -8.40 13.36 -5.05
N VAL A 268 -9.67 12.92 -4.94
CA VAL A 268 -10.26 12.57 -3.66
C VAL A 268 -9.57 11.31 -3.17
N MET A 269 -9.35 10.32 -4.06
CA MET A 269 -8.68 9.12 -3.63
C MET A 269 -7.29 9.43 -2.99
N GLY A 270 -6.48 10.26 -3.64
CA GLY A 270 -5.14 10.58 -3.17
C GLY A 270 -5.11 11.24 -1.79
N GLN A 271 -6.05 12.17 -1.59
CA GLN A 271 -6.21 12.90 -0.34
C GLN A 271 -6.58 11.95 0.80
N ARG A 272 -7.52 11.06 0.57
CA ARG A 272 -7.96 10.11 1.59
C ARG A 272 -6.83 9.11 1.89
N TYR A 273 -6.14 8.62 0.85
CA TYR A 273 -5.03 7.70 1.08
C TYR A 273 -3.91 8.39 1.86
N ARG A 274 -3.55 9.64 1.54
CA ARG A 274 -2.50 10.32 2.27
C ARG A 274 -2.79 10.46 3.76
N ALA A 275 -4.05 10.77 4.09
CA ALA A 275 -4.48 10.88 5.49
C ALA A 275 -4.42 9.56 6.26
N ALA A 276 -4.92 8.46 5.66
CA ALA A 276 -4.89 7.16 6.30
C ALA A 276 -3.43 6.70 6.49
N MET A 277 -2.53 6.96 5.53
CA MET A 277 -1.12 6.58 5.65
C MET A 277 -0.40 7.35 6.74
N ALA A 278 -0.74 8.65 6.91
CA ALA A 278 -0.15 9.45 7.97
C ALA A 278 -0.52 8.88 9.34
N LYS A 279 -1.74 8.37 9.49
CA LYS A 279 -2.19 7.77 10.73
C LYS A 279 -1.47 6.45 10.94
N MET A 280 -1.35 5.62 9.90
CA MET A 280 -0.66 4.35 10.03
C MET A 280 0.82 4.51 10.36
N SER A 281 1.47 5.58 9.87
CA SER A 281 2.89 5.75 10.11
C SER A 281 3.30 6.01 11.54
N VAL A 282 2.38 6.42 12.42
CA VAL A 282 2.76 6.68 13.78
C VAL A 282 2.11 5.71 14.75
N LEU A 283 1.54 4.57 14.28
CA LEU A 283 0.98 3.59 15.21
C LEU A 283 2.14 3.16 16.15
N GLY A 284 1.90 3.26 17.46
CA GLY A 284 2.87 2.95 18.49
C GLY A 284 3.68 4.18 18.87
N PHE A 285 3.42 5.37 18.32
CA PHE A 285 4.21 6.56 18.63
C PHE A 285 3.29 7.75 18.82
N ASP A 286 3.85 8.80 19.36
CA ASP A 286 3.10 10.04 19.53
C ASP A 286 3.71 10.93 18.46
N ARG A 287 2.92 11.37 17.47
CA ARG A 287 3.47 12.19 16.42
C ARG A 287 3.99 13.51 16.95
N ASN A 288 3.55 14.01 18.12
CA ASN A 288 4.06 15.27 18.65
C ASN A 288 5.49 15.13 19.14
N ALA A 289 6.01 13.92 19.30
CA ALA A 289 7.40 13.76 19.71
C ALA A 289 8.36 13.60 18.50
N LEU A 290 7.82 13.60 17.28
CA LEU A 290 8.62 13.36 16.08
C LEU A 290 8.88 14.67 15.36
N THR A 291 9.87 14.74 14.46
CA THR A 291 10.19 15.94 13.70
C THR A 291 9.71 15.76 12.27
N ASP A 292 9.07 16.83 11.77
CA ASP A 292 8.52 16.81 10.43
C ASP A 292 9.62 17.10 9.42
N CYS A 293 9.88 16.14 8.54
CA CYS A 293 10.83 16.35 7.47
C CYS A 293 10.15 16.10 6.11
N SER A 294 8.86 16.45 6.01
CA SER A 294 8.12 16.20 4.76
C SER A 294 8.66 16.97 3.55
N ASP A 295 9.34 18.09 3.77
CA ASP A 295 9.90 18.84 2.65
C ASP A 295 11.01 18.08 1.93
N VAL A 296 11.56 17.01 2.50
CA VAL A 296 12.59 16.24 1.81
C VAL A 296 11.95 15.40 0.68
N ILE A 297 10.65 15.09 0.74
CA ILE A 297 9.97 14.21 -0.22
C ILE A 297 9.66 14.96 -1.53
N PRO A 298 10.16 14.53 -2.69
CA PRO A 298 9.89 15.17 -3.99
C PRO A 298 8.51 14.84 -4.55
N SER A 299 7.99 15.67 -5.45
CA SER A 299 6.72 15.42 -6.11
C SER A 299 6.80 14.32 -7.20
N ALA A 300 5.68 13.67 -7.41
CA ALA A 300 5.52 12.67 -8.45
C ALA A 300 5.09 13.40 -9.71
N VAL A 301 5.28 12.80 -10.88
CA VAL A 301 4.75 13.42 -12.10
C VAL A 301 3.21 13.22 -12.05
N SER A 302 2.41 14.17 -12.51
CA SER A 302 0.95 14.08 -12.50
C SER A 302 0.37 13.06 -13.48
N ASN A 303 -0.77 12.49 -13.13
CA ASN A 303 -1.42 11.52 -13.99
C ASN A 303 -2.54 12.29 -14.68
N ASN A 304 -2.50 12.41 -16.00
CA ASN A 304 -3.52 13.15 -16.72
C ASN A 304 -4.65 12.30 -17.29
N ALA A 305 -4.64 10.96 -17.14
CA ALA A 305 -5.69 10.12 -17.68
C ALA A 305 -6.95 10.10 -16.81
N ALA A 306 -8.12 10.18 -17.41
CA ALA A 306 -9.39 10.09 -16.72
C ALA A 306 -9.70 8.63 -16.37
N PRO A 307 -10.47 8.35 -15.30
CA PRO A 307 -10.96 7.01 -14.93
C PRO A 307 -11.72 6.37 -16.08
N VAL A 308 -11.61 5.07 -16.36
CA VAL A 308 -12.37 4.47 -17.46
C VAL A 308 -12.77 3.07 -17.09
N ILE A 309 -13.84 2.61 -17.76
CA ILE A 309 -14.28 1.23 -17.69
C ILE A 309 -13.52 0.71 -18.90
N PRO A 310 -12.55 -0.19 -18.76
CA PRO A 310 -11.80 -0.67 -19.91
C PRO A 310 -12.50 -1.68 -20.83
N GLY A 311 -11.92 -1.75 -22.03
CA GLY A 311 -12.24 -2.72 -23.07
C GLY A 311 -13.67 -2.96 -23.51
N GLY A 312 -14.47 -1.93 -23.67
CA GLY A 312 -15.81 -2.10 -24.19
C GLY A 312 -16.80 -2.55 -23.12
N LEU A 313 -16.41 -2.81 -21.88
CA LEU A 313 -17.38 -3.17 -20.87
C LEU A 313 -18.16 -1.88 -20.52
N THR A 314 -19.34 -1.96 -19.92
CA THR A 314 -20.15 -0.77 -19.65
C THR A 314 -20.55 -0.86 -18.20
N VAL A 315 -21.38 0.09 -17.76
CA VAL A 315 -21.88 0.10 -16.38
C VAL A 315 -22.74 -1.13 -16.13
N ASP A 316 -23.29 -1.75 -17.18
CA ASP A 316 -24.09 -2.94 -16.97
C ASP A 316 -23.21 -4.08 -16.56
N ASP A 317 -21.89 -4.01 -16.76
CA ASP A 317 -20.99 -5.06 -16.30
C ASP A 317 -20.52 -4.83 -14.88
N ILE A 318 -20.82 -3.70 -14.23
CA ILE A 318 -20.35 -3.53 -12.87
C ILE A 318 -21.52 -3.93 -11.96
N GLU A 319 -21.13 -4.61 -10.91
CA GLU A 319 -22.06 -5.10 -9.92
C GLU A 319 -22.24 -4.02 -8.87
N VAL A 320 -23.08 -3.02 -9.11
CA VAL A 320 -23.26 -1.91 -8.18
C VAL A 320 -23.77 -2.49 -6.87
N SER A 321 -23.05 -2.12 -5.81
CA SER A 321 -23.30 -2.61 -4.47
C SER A 321 -23.60 -1.55 -3.42
N CYS A 322 -23.66 -0.25 -3.72
CA CYS A 322 -24.01 0.77 -2.74
C CYS A 322 -25.45 1.13 -3.10
N PRO A 323 -26.42 0.72 -2.29
CA PRO A 323 -27.83 0.94 -2.59
C PRO A 323 -28.28 2.39 -2.46
N SER A 324 -27.50 3.25 -1.85
CA SER A 324 -27.94 4.62 -1.68
C SER A 324 -27.45 5.67 -2.67
N GLU A 325 -26.28 5.46 -3.27
CA GLU A 325 -25.62 6.41 -4.17
C GLU A 325 -25.66 5.78 -5.57
N PRO A 326 -26.13 6.41 -6.65
CA PRO A 326 -26.04 5.84 -7.99
C PRO A 326 -24.58 5.78 -8.45
N PHE A 327 -24.24 4.81 -9.31
CA PHE A 327 -22.88 4.69 -9.83
C PHE A 327 -22.52 5.94 -10.65
N PRO A 328 -21.34 6.52 -10.42
CA PRO A 328 -20.87 7.70 -11.16
C PRO A 328 -20.72 7.49 -12.65
N GLU A 329 -20.87 8.54 -13.46
CA GLU A 329 -20.73 8.38 -14.90
C GLU A 329 -19.21 8.32 -15.15
N ILE A 330 -18.71 7.17 -15.60
CA ILE A 330 -17.29 6.97 -15.84
C ILE A 330 -17.21 6.78 -17.35
N ALA A 331 -16.14 7.24 -17.99
CA ALA A 331 -15.96 7.04 -19.40
C ALA A 331 -15.74 5.56 -19.74
N THR A 332 -16.15 5.19 -20.94
CA THR A 332 -16.09 3.86 -21.51
C THR A 332 -14.98 3.92 -22.54
N ALA A 333 -14.42 2.78 -22.91
CA ALA A 333 -13.36 2.69 -23.88
C ALA A 333 -13.88 1.80 -25.02
N SER A 334 -13.23 1.83 -26.15
CA SER A 334 -13.64 0.98 -27.25
C SER A 334 -12.75 -0.26 -27.13
N GLY A 335 -12.42 -0.81 -28.30
CA GLY A 335 -11.51 -1.95 -28.37
C GLY A 335 -12.03 -3.21 -27.70
N PRO A 336 -11.26 -4.29 -27.90
CA PRO A 336 -11.53 -5.58 -27.29
C PRO A 336 -11.12 -5.51 -25.82
N LEU A 337 -11.44 -6.61 -25.15
CA LEU A 337 -11.11 -6.79 -23.75
C LEU A 337 -9.57 -6.84 -23.64
N PRO A 338 -8.92 -6.11 -22.71
CA PRO A 338 -7.49 -6.15 -22.57
C PRO A 338 -6.97 -7.47 -21.99
N SER A 339 -5.67 -7.72 -22.16
CA SER A 339 -4.98 -8.87 -21.60
C SER A 339 -3.77 -8.16 -20.97
N LEU A 340 -3.62 -8.27 -19.65
CA LEU A 340 -2.57 -7.54 -19.01
C LEU A 340 -1.26 -8.28 -18.96
N ALA A 341 -0.19 -7.54 -19.22
CA ALA A 341 1.14 -8.09 -19.09
C ALA A 341 1.48 -8.12 -17.59
N PRO A 342 2.45 -8.90 -17.13
CA PRO A 342 2.88 -8.94 -15.73
C PRO A 342 3.35 -7.55 -15.34
N ALA A 343 3.21 -7.19 -14.05
CA ALA A 343 3.68 -5.90 -13.52
C ALA A 343 5.21 -5.95 -13.56
N PRO A 344 5.94 -4.86 -13.86
CA PRO A 344 7.40 -4.90 -13.99
C PRO A 344 8.20 -5.09 -12.70
#